data_6ALN
#
_entry.id   6ALN
#
_cell.length_a   80.760
_cell.length_b   66.653
_cell.length_c   62.889
_cell.angle_alpha   90.000
_cell.angle_beta   109.210
_cell.angle_gamma   90.000
#
_symmetry.space_group_name_H-M   'C 1 2 1'
#
loop_
_entity.id
_entity.type
_entity.pdbx_description
1 polymer 'Alpha-ketoglutarate-dependent L-arginine hydroxylase'
2 non-polymer '2-OXOGLUTARIC ACID'
3 non-polymer 'FE (II) ION'
4 non-polymer (2S,3S)-3-HYDROXYARGININE
5 water water
#
_entity_poly.entity_id   1
_entity_poly.type   'polypeptide(L)'
_entity_poly.pdbx_seq_one_letter_code
;MGSSHHHHHHSSGLVPRGSHMASMTGGQQMGRGSEFMTESPTTHHGAAPPDSVATPVRPWSEFRLTPAEAAAAAALAARC
AQRYDETDGPEFLLDAPVIAHELPRRLRTFMARARLDAWPHALVVRGNPVDDAALGSTPVHWRTARTPGSRPLSFLLMLY
AGLLGDVFGWATQQDGRVVTDVLPIKGGEHTLVSSSSRQELGWHTEDAFSPYRADYVGLLSLRNPDGVATTLAGVPLDDL
DERTLDVLFQERFLIRPDDSHLQVNNSTAQQGRVEFEGIAQAADRPEPVAILTGHRAAPHLRVDGDFSAPAEGDEEAAAA
LGTLRKLIDASLYELVLDQGDVAFIDNRRAVHGRRAFQPRYDGRDRWLKRINITRDLHRSRKAWAGDSRVLGQR
;
_entity_poly.pdbx_strand_id   A
#
loop_
_chem_comp.id
_chem_comp.type
_chem_comp.name
_chem_comp.formula
AKG non-polymer '2-OXOGLUTARIC ACID' 'C5 H6 O5'
FE2 non-polymer 'FE (II) ION' 'Fe 2'
#
# COMPACT_ATOMS: atom_id res chain seq x y z
N PRO A 59 15.19 8.14 -4.98
CA PRO A 59 14.51 8.47 -3.73
C PRO A 59 13.97 7.27 -2.94
N TRP A 60 14.17 6.05 -3.46
CA TRP A 60 13.85 4.83 -2.73
C TRP A 60 15.13 4.03 -2.53
N SER A 61 15.07 3.07 -1.60
CA SER A 61 16.18 2.19 -1.34
C SER A 61 15.97 0.88 -2.08
N GLU A 62 16.97 0.45 -2.86
CA GLU A 62 16.80 -0.69 -3.76
C GLU A 62 17.78 -1.82 -3.46
N PHE A 63 17.27 -3.04 -3.56
CA PHE A 63 18.04 -4.26 -3.33
C PHE A 63 17.75 -5.21 -4.48
N ARG A 64 18.78 -5.81 -5.06
CA ARG A 64 18.58 -6.82 -6.09
C ARG A 64 19.08 -8.17 -5.60
N LEU A 65 18.17 -9.14 -5.55
CA LEU A 65 18.49 -10.50 -5.19
C LEU A 65 19.39 -11.12 -6.25
N THR A 66 20.40 -11.86 -5.83
CA THR A 66 21.13 -12.72 -6.76
C THR A 66 20.21 -13.89 -7.09
N PRO A 67 20.43 -14.54 -8.24
CA PRO A 67 19.63 -15.72 -8.59
C PRO A 67 19.54 -16.75 -7.47
N ALA A 68 20.65 -17.02 -6.79
CA ALA A 68 20.66 -17.99 -5.69
C ALA A 68 19.83 -17.54 -4.49
N GLU A 69 19.94 -16.25 -4.12
CA GLU A 69 19.14 -15.68 -3.03
C GLU A 69 17.65 -15.72 -3.36
N ALA A 70 17.33 -15.36 -4.60
CA ALA A 70 15.95 -15.40 -5.07
C ALA A 70 15.39 -16.82 -5.03
N ALA A 71 16.18 -17.78 -5.54
CA ALA A 71 15.79 -19.20 -5.49
C ALA A 71 15.56 -19.69 -4.06
N ALA A 72 16.45 -19.30 -3.14
CA ALA A 72 16.32 -19.68 -1.73
C ALA A 72 15.03 -19.12 -1.11
N ALA A 73 14.78 -17.83 -1.35
CA ALA A 73 13.55 -17.18 -0.87
C ALA A 73 12.30 -17.86 -1.44
N ALA A 74 12.33 -18.17 -2.74
CA ALA A 74 11.21 -18.87 -3.38
C ALA A 74 11.02 -20.27 -2.78
N ALA A 75 12.12 -20.98 -2.55
CA ALA A 75 12.06 -22.30 -1.93
C ALA A 75 11.42 -22.23 -0.54
N LEU A 76 11.81 -21.22 0.24
CA LEU A 76 11.23 -21.03 1.58
C LEU A 76 9.73 -20.79 1.51
N ALA A 77 9.30 -19.93 0.57
CA ALA A 77 7.89 -19.63 0.38
C ALA A 77 7.08 -20.85 -0.07
N ALA A 78 7.66 -21.65 -0.95
CA ALA A 78 7.02 -22.89 -1.43
C ALA A 78 6.80 -23.88 -0.29
N ARG A 79 7.79 -23.98 0.61
CA ARG A 79 7.67 -24.85 1.79
C ARG A 79 6.54 -24.37 2.70
N CYS A 80 6.45 -23.04 2.90
CA CYS A 80 5.34 -22.46 3.67
C CYS A 80 4.00 -22.81 3.02
N ALA A 81 3.93 -22.66 1.71
CA ALA A 81 2.71 -22.98 0.96
C ALA A 81 2.31 -24.45 1.12
N GLN A 82 3.30 -25.34 1.23
CA GLN A 82 3.06 -26.76 1.48
C GLN A 82 2.53 -27.03 2.89
N ARG A 83 3.07 -26.33 3.88
CA ARG A 83 2.81 -26.63 5.29
C ARG A 83 1.61 -25.90 5.90
N TYR A 84 1.21 -24.77 5.32
CA TYR A 84 0.11 -24.00 5.85
C TYR A 84 -1.06 -23.98 4.86
N ASP A 85 -2.28 -23.99 5.39
CA ASP A 85 -3.47 -23.97 4.52
C ASP A 85 -3.61 -22.65 3.76
N GLU A 86 -3.44 -21.53 4.45
CA GLU A 86 -3.62 -20.20 3.83
C GLU A 86 -2.69 -19.15 4.45
N THR A 87 -2.45 -18.08 3.70
CA THR A 87 -1.58 -16.98 4.16
C THR A 87 -2.20 -16.22 5.33
N ASP A 88 -3.53 -16.08 5.31
CA ASP A 88 -4.24 -15.28 6.30
C ASP A 88 -4.74 -16.07 7.48
N GLY A 89 -4.43 -17.36 7.54
CA GLY A 89 -4.77 -18.18 8.68
C GLY A 89 -4.04 -17.67 9.91
N PRO A 90 -4.62 -17.88 11.10
CA PRO A 90 -3.96 -17.44 12.32
C PRO A 90 -2.57 -18.07 12.49
N GLU A 91 -2.41 -19.31 12.05
CA GLU A 91 -1.14 -20.02 12.19
C GLU A 91 -0.02 -19.32 11.44
N PHE A 92 -0.20 -19.11 10.15
CA PHE A 92 0.86 -18.51 9.36
C PHE A 92 1.08 -17.04 9.70
N LEU A 93 0.02 -16.34 10.11
CA LEU A 93 0.17 -14.94 10.52
C LEU A 93 1.14 -14.82 11.70
N LEU A 94 1.02 -15.74 12.66
CA LEU A 94 1.92 -15.77 13.82
C LEU A 94 3.32 -16.27 13.51
N ASP A 95 3.44 -17.26 12.61
CA ASP A 95 4.73 -17.90 12.33
C ASP A 95 5.59 -17.16 11.31
N ALA A 96 4.96 -16.46 10.38
CA ALA A 96 5.69 -15.83 9.27
C ALA A 96 6.89 -14.98 9.71
N PRO A 97 6.73 -14.12 10.74
CA PRO A 97 7.86 -13.28 11.17
C PRO A 97 9.08 -14.08 11.62
N VAL A 98 8.86 -15.25 12.21
CA VAL A 98 9.96 -16.12 12.65
C VAL A 98 10.51 -16.95 11.48
N ILE A 99 9.62 -17.45 10.62
CA ILE A 99 10.07 -18.17 9.42
C ILE A 99 10.92 -17.24 8.53
N ALA A 100 10.55 -15.96 8.48
CA ALA A 100 11.29 -14.97 7.69
C ALA A 100 12.76 -14.81 8.14
N HIS A 101 13.07 -15.23 9.36
CA HIS A 101 14.46 -15.22 9.83
C HIS A 101 15.37 -16.14 9.01
N GLU A 102 14.76 -17.07 8.28
CA GLU A 102 15.48 -18.02 7.42
C GLU A 102 15.70 -17.51 5.99
N LEU A 103 15.20 -16.31 5.67
CA LEU A 103 15.48 -15.70 4.37
C LEU A 103 16.98 -15.43 4.23
N PRO A 104 17.47 -15.19 3.00
CA PRO A 104 18.89 -14.89 2.80
C PRO A 104 19.37 -13.73 3.66
N ARG A 105 20.54 -13.90 4.28
CA ARG A 105 21.01 -12.95 5.28
C ARG A 105 21.19 -11.55 4.71
N ARG A 106 21.70 -11.45 3.47
CA ARG A 106 21.95 -10.14 2.87
C ARG A 106 20.64 -9.35 2.71
N LEU A 107 19.56 -10.08 2.40
CA LEU A 107 18.21 -9.48 2.33
C LEU A 107 17.73 -9.02 3.72
N ARG A 108 17.90 -9.86 4.73
CA ARG A 108 17.48 -9.50 6.09
C ARG A 108 18.23 -8.26 6.58
N THR A 109 19.52 -8.21 6.27
CA THR A 109 20.35 -7.03 6.56
C THR A 109 19.82 -5.78 5.88
N PHE A 110 19.50 -5.88 4.60
CA PHE A 110 18.96 -4.74 3.85
C PHE A 110 17.67 -4.23 4.48
N MET A 111 16.77 -5.15 4.82
CA MET A 111 15.47 -4.78 5.35
C MET A 111 15.57 -4.14 6.73
N ALA A 112 16.49 -4.65 7.55
CA ALA A 112 16.68 -4.15 8.91
C ALA A 112 17.29 -2.75 8.90
N ARG A 113 18.22 -2.52 7.98
CA ARG A 113 18.90 -1.22 7.91
C ARG A 113 18.11 -0.19 7.12
N ALA A 114 17.59 -0.58 5.96
CA ALA A 114 16.90 0.36 5.10
C ALA A 114 15.64 0.92 5.76
N ARG A 115 14.99 0.11 6.59
CA ARG A 115 13.83 0.59 7.35
C ARG A 115 14.23 1.72 8.29
N LEU A 116 15.46 1.69 8.81
CA LEU A 116 15.90 2.69 9.78
C LEU A 116 16.53 3.93 9.16
N ASP A 117 16.81 3.92 7.86
CA ASP A 117 17.29 5.13 7.18
C ASP A 117 16.26 6.23 7.21
N ALA A 118 16.73 7.47 7.17
CA ALA A 118 15.86 8.63 7.32
C ALA A 118 15.13 9.02 6.04
N TRP A 119 15.71 8.69 4.89
CA TRP A 119 15.29 9.29 3.60
C TRP A 119 14.35 8.50 2.64
N PRO A 120 14.43 7.16 2.59
CA PRO A 120 13.73 6.46 1.50
C PRO A 120 12.21 6.58 1.49
N HIS A 121 11.63 6.74 0.31
CA HIS A 121 10.17 6.73 0.16
C HIS A 121 9.64 5.30 0.10
N ALA A 122 10.51 4.36 -0.26
CA ALA A 122 10.14 2.95 -0.34
C ALA A 122 11.36 2.06 -0.27
N LEU A 123 11.13 0.81 0.09
CA LEU A 123 12.14 -0.25 0.02
C LEU A 123 11.77 -1.15 -1.14
N VAL A 124 12.65 -1.30 -2.11
CA VAL A 124 12.36 -2.07 -3.31
C VAL A 124 13.29 -3.26 -3.42
N VAL A 125 12.71 -4.45 -3.61
CA VAL A 125 13.47 -5.68 -3.79
C VAL A 125 13.21 -6.22 -5.21
N ARG A 126 14.25 -6.26 -6.04
CA ARG A 126 14.12 -6.75 -7.41
C ARG A 126 14.59 -8.19 -7.52
N GLY A 127 14.01 -8.92 -8.49
CA GLY A 127 14.58 -10.18 -8.95
C GLY A 127 14.00 -11.47 -8.40
N ASN A 128 12.75 -11.46 -7.97
CA ASN A 128 12.07 -12.71 -7.64
C ASN A 128 11.54 -13.36 -8.92
N PRO A 129 11.93 -14.61 -9.21
CA PRO A 129 11.43 -15.23 -10.44
C PRO A 129 9.93 -15.50 -10.41
N VAL A 130 9.26 -15.27 -11.53
CA VAL A 130 7.86 -15.61 -11.69
C VAL A 130 7.68 -16.26 -13.05
N ASP A 131 7.15 -17.48 -13.04
CA ASP A 131 6.91 -18.23 -14.26
C ASP A 131 5.45 -18.03 -14.67
N ASP A 132 5.23 -17.29 -15.76
CA ASP A 132 3.86 -17.00 -16.24
C ASP A 132 3.04 -18.26 -16.50
N ALA A 133 3.71 -19.32 -16.99
CA ALA A 133 3.04 -20.60 -17.23
C ALA A 133 2.53 -21.22 -15.94
N ALA A 134 3.39 -21.25 -14.92
CA ALA A 134 2.99 -21.74 -13.60
C ALA A 134 1.98 -20.79 -12.94
N LEU A 135 2.16 -19.49 -13.13
CA LEU A 135 1.29 -18.50 -12.49
C LEU A 135 -0.15 -18.63 -12.97
N GLY A 136 -0.32 -18.84 -14.27
CA GLY A 136 -1.65 -18.92 -14.87
C GLY A 136 -2.18 -17.55 -15.24
N SER A 137 -3.42 -17.50 -15.69
CA SER A 137 -4.02 -16.27 -16.18
C SER A 137 -4.36 -15.30 -15.05
N THR A 138 -4.32 -14.00 -15.36
CA THR A 138 -4.72 -12.99 -14.39
C THR A 138 -6.20 -13.14 -14.13
N PRO A 139 -6.60 -13.24 -12.84
CA PRO A 139 -8.01 -13.35 -12.49
C PRO A 139 -8.85 -12.16 -12.98
N VAL A 140 -10.15 -12.40 -13.16
CA VAL A 140 -11.07 -11.34 -13.62
C VAL A 140 -11.56 -10.44 -12.49
N HIS A 141 -11.40 -10.90 -11.24
CA HIS A 141 -11.83 -10.18 -10.05
C HIS A 141 -10.93 -10.61 -8.89
N TRP A 142 -10.79 -9.75 -7.88
CA TRP A 142 -10.01 -10.12 -6.69
C TRP A 142 -10.61 -11.31 -5.94
N ARG A 143 -11.92 -11.50 -6.05
CA ARG A 143 -12.65 -12.56 -5.36
C ARG A 143 -12.08 -13.93 -5.68
N THR A 144 -11.77 -14.15 -6.95
CA THR A 144 -11.27 -15.44 -7.42
C THR A 144 -9.76 -15.41 -7.67
N ALA A 145 -9.05 -14.48 -7.03
CA ALA A 145 -7.64 -14.24 -7.33
C ALA A 145 -6.65 -15.05 -6.50
N ARG A 146 -7.13 -15.85 -5.56
CA ARG A 146 -6.25 -16.73 -4.81
C ARG A 146 -6.02 -18.05 -5.56
N THR A 147 -5.33 -17.93 -6.67
CA THR A 147 -5.11 -19.05 -7.57
C THR A 147 -3.92 -19.86 -7.09
N PRO A 148 -3.90 -21.17 -7.38
CA PRO A 148 -2.75 -22.00 -7.00
C PRO A 148 -1.43 -21.46 -7.53
N GLY A 149 -1.44 -20.95 -8.76
CA GLY A 149 -0.23 -20.37 -9.35
C GLY A 149 0.32 -19.17 -8.59
N SER A 150 -0.56 -18.40 -7.94
CA SER A 150 -0.15 -17.19 -7.22
C SER A 150 0.12 -17.44 -5.73
N ARG A 151 -0.19 -18.64 -5.27
CA ARG A 151 -0.09 -18.99 -3.86
C ARG A 151 1.32 -18.87 -3.26
N PRO A 152 2.34 -19.51 -3.87
CA PRO A 152 3.69 -19.33 -3.31
C PRO A 152 4.13 -17.87 -3.20
N LEU A 153 3.82 -17.07 -4.21
CA LEU A 153 4.20 -15.66 -4.21
C LEU A 153 3.47 -14.83 -3.16
N SER A 154 2.24 -15.23 -2.82
CA SER A 154 1.55 -14.61 -1.69
C SER A 154 2.27 -14.89 -0.39
N PHE A 155 2.68 -16.14 -0.19
CA PHE A 155 3.48 -16.51 0.99
C PHE A 155 4.81 -15.74 1.01
N LEU A 156 5.44 -15.61 -0.16
CA LEU A 156 6.69 -14.85 -0.25
C LEU A 156 6.51 -13.40 0.22
N LEU A 157 5.47 -12.73 -0.28
CA LEU A 157 5.20 -11.36 0.14
C LEU A 157 5.01 -11.27 1.65
N MET A 158 4.26 -12.20 2.23
CA MET A 158 4.03 -12.19 3.67
C MET A 158 5.33 -12.39 4.46
N LEU A 159 6.23 -13.23 3.94
CA LEU A 159 7.53 -13.43 4.58
C LEU A 159 8.35 -12.14 4.57
N TYR A 160 8.47 -11.49 3.41
CA TYR A 160 9.17 -10.20 3.34
C TYR A 160 8.53 -9.18 4.27
N ALA A 161 7.21 -9.09 4.24
CA ALA A 161 6.45 -8.15 5.09
C ALA A 161 6.73 -8.35 6.58
N GLY A 162 6.89 -9.60 7.00
CA GLY A 162 7.18 -9.94 8.39
C GLY A 162 8.50 -9.40 8.91
N LEU A 163 9.44 -9.13 8.02
CA LEU A 163 10.69 -8.47 8.39
C LEU A 163 10.50 -6.99 8.75
N LEU A 164 9.42 -6.38 8.26
CA LEU A 164 9.16 -4.95 8.46
C LEU A 164 8.13 -4.62 9.55
N GLY A 165 7.25 -5.55 9.88
CA GLY A 165 6.26 -5.28 10.92
C GLY A 165 5.13 -6.28 10.97
N ASP A 166 3.99 -5.82 11.50
CA ASP A 166 2.80 -6.62 11.71
C ASP A 166 1.81 -6.41 10.56
N VAL A 167 1.47 -7.48 9.84
CA VAL A 167 0.51 -7.37 8.74
C VAL A 167 -0.91 -7.36 9.25
N PHE A 168 -1.80 -6.70 8.49
CA PHE A 168 -3.20 -6.64 8.85
C PHE A 168 -4.04 -6.29 7.61
N GLY A 169 -5.34 -6.52 7.71
CA GLY A 169 -6.29 -6.09 6.69
C GLY A 169 -7.43 -5.30 7.29
N TRP A 170 -8.43 -5.02 6.46
CA TRP A 170 -9.59 -4.23 6.85
C TRP A 170 -10.85 -5.06 6.65
N ALA A 171 -11.75 -5.01 7.63
CA ALA A 171 -13.02 -5.73 7.55
C ALA A 171 -13.86 -5.28 6.35
N THR A 172 -13.66 -4.04 5.93
CA THR A 172 -14.45 -3.43 4.88
C THR A 172 -13.75 -3.40 3.51
N GLN A 173 -12.66 -4.12 3.34
CA GLN A 173 -11.89 -4.12 2.09
C GLN A 173 -11.53 -5.55 1.69
N GLN A 174 -11.88 -5.93 0.45
CA GLN A 174 -11.68 -7.27 -0.09
C GLN A 174 -11.95 -8.38 0.94
N ASP A 175 -13.12 -8.30 1.55
CA ASP A 175 -13.63 -9.33 2.45
C ASP A 175 -12.69 -9.63 3.62
N GLY A 176 -12.01 -8.60 4.12
CA GLY A 176 -11.12 -8.76 5.28
C GLY A 176 -9.82 -9.50 5.05
N ARG A 177 -9.49 -9.76 3.78
CA ARG A 177 -8.24 -10.44 3.44
C ARG A 177 -7.03 -9.62 3.84
N VAL A 178 -5.96 -10.31 4.24
CA VAL A 178 -4.71 -9.64 4.57
C VAL A 178 -3.86 -9.48 3.32
N VAL A 179 -3.62 -10.56 2.59
CA VAL A 179 -3.02 -10.44 1.27
C VAL A 179 -4.14 -10.13 0.29
N THR A 180 -4.07 -8.96 -0.34
CA THR A 180 -5.09 -8.48 -1.26
C THR A 180 -4.56 -8.46 -2.69
N ASP A 181 -5.44 -8.17 -3.65
CA ASP A 181 -5.07 -8.17 -5.08
C ASP A 181 -5.34 -6.84 -5.76
N VAL A 182 -4.41 -6.47 -6.62
CA VAL A 182 -4.52 -5.29 -7.46
C VAL A 182 -4.52 -5.80 -8.91
N LEU A 183 -5.66 -5.66 -9.57
CA LEU A 183 -5.79 -6.05 -10.98
C LEU A 183 -6.96 -5.30 -11.61
N PRO A 184 -6.94 -5.11 -12.94
CA PRO A 184 -8.01 -4.35 -13.56
C PRO A 184 -9.31 -5.16 -13.64
N ILE A 185 -10.42 -4.55 -13.23
CA ILE A 185 -11.71 -5.23 -13.28
C ILE A 185 -12.56 -4.59 -14.39
N LYS A 186 -12.98 -5.42 -15.33
CA LYS A 186 -13.79 -5.00 -16.47
C LYS A 186 -15.02 -4.26 -16.00
N GLY A 187 -15.27 -3.08 -16.58
CA GLY A 187 -16.35 -2.22 -16.12
C GLY A 187 -15.96 -1.19 -15.06
N GLY A 188 -14.82 -1.40 -14.39
CA GLY A 188 -14.34 -0.48 -13.35
C GLY A 188 -13.10 0.29 -13.75
N GLU A 189 -13.00 0.65 -15.03
CA GLU A 189 -11.80 1.30 -15.54
C GLU A 189 -11.66 2.73 -15.01
N HIS A 190 -12.80 3.40 -14.81
CA HIS A 190 -12.83 4.81 -14.42
C HIS A 190 -13.31 5.01 -12.99
N THR A 191 -12.82 4.17 -12.08
CA THR A 191 -13.18 4.26 -10.67
C THR A 191 -11.99 4.83 -9.92
N LEU A 192 -12.17 5.10 -8.64
CA LEU A 192 -11.14 5.66 -7.80
C LEU A 192 -10.40 4.59 -6.98
N VAL A 193 -10.55 3.32 -7.36
CA VAL A 193 -9.94 2.22 -6.62
C VAL A 193 -8.85 1.55 -7.46
N SER A 194 -8.08 0.66 -6.82
CA SER A 194 -6.88 0.09 -7.44
C SER A 194 -7.19 -0.91 -8.57
N SER A 195 -8.45 -1.29 -8.71
CA SER A 195 -8.88 -2.09 -9.86
C SER A 195 -9.22 -1.25 -11.10
N SER A 196 -8.93 0.05 -11.03
CA SER A 196 -9.04 0.93 -12.19
C SER A 196 -7.91 0.67 -13.19
N SER A 197 -8.01 1.32 -14.33
CA SER A 197 -6.99 1.19 -15.36
C SER A 197 -6.94 2.45 -16.19
N ARG A 198 -7.99 2.68 -16.98
CA ARG A 198 -7.97 3.77 -17.97
C ARG A 198 -7.87 5.13 -17.30
N GLN A 199 -8.49 5.28 -16.13
CA GLN A 199 -8.33 6.46 -15.30
C GLN A 199 -7.15 6.26 -14.35
N GLU A 200 -6.23 7.22 -14.34
CA GLU A 200 -5.10 7.19 -13.41
C GLU A 200 -5.59 7.06 -11.99
N LEU A 201 -4.93 6.24 -11.19
CA LEU A 201 -5.20 6.19 -9.77
C LEU A 201 -4.41 7.33 -9.13
N GLY A 202 -5.14 8.36 -8.70
CA GLY A 202 -4.55 9.55 -8.11
C GLY A 202 -3.76 9.26 -6.84
N TRP A 203 -2.77 10.12 -6.57
CA TRP A 203 -1.87 9.91 -5.43
C TRP A 203 -2.61 9.98 -4.10
N HIS A 204 -2.14 9.21 -3.14
CA HIS A 204 -2.79 9.13 -1.83
C HIS A 204 -1.93 8.45 -0.79
N THR A 205 -2.14 8.83 0.46
CA THR A 205 -1.73 8.05 1.61
C THR A 205 -2.74 6.91 1.71
N GLU A 206 -2.26 5.69 1.87
CA GLU A 206 -3.15 4.54 1.99
C GLU A 206 -4.01 4.66 3.24
N ASP A 207 -5.32 4.50 3.07
CA ASP A 207 -6.28 4.59 4.18
C ASP A 207 -6.12 5.86 4.99
N ALA A 208 -5.94 6.98 4.28
CA ALA A 208 -5.65 8.28 4.90
C ALA A 208 -6.66 8.67 5.98
N PHE A 209 -7.92 8.30 5.77
CA PHE A 209 -8.98 8.61 6.75
C PHE A 209 -8.72 8.05 8.15
N SER A 210 -8.00 6.94 8.23
CA SER A 210 -7.88 6.20 9.48
C SER A 210 -6.60 6.46 10.27
N PRO A 211 -6.71 6.65 11.59
CA PRO A 211 -5.51 6.72 12.42
C PRO A 211 -4.72 5.41 12.47
N TYR A 212 -5.32 4.32 11.98
CA TYR A 212 -4.72 2.99 12.03
C TYR A 212 -4.17 2.55 10.67
N ARG A 213 -4.08 3.49 9.73
CA ARG A 213 -3.48 3.22 8.42
C ARG A 213 -2.07 2.64 8.54
N ALA A 214 -1.69 1.87 7.52
CA ALA A 214 -0.39 1.19 7.48
C ALA A 214 0.78 2.16 7.56
N ASP A 215 1.88 1.67 8.12
CA ASP A 215 3.16 2.36 8.04
C ASP A 215 3.84 2.04 6.73
N TYR A 216 3.64 0.80 6.24
CA TYR A 216 4.15 0.38 4.93
C TYR A 216 3.09 -0.35 4.13
N VAL A 217 3.06 -0.08 2.83
CA VAL A 217 2.22 -0.83 1.89
C VAL A 217 3.14 -1.66 1.02
N GLY A 218 2.97 -2.98 1.07
CA GLY A 218 3.78 -3.91 0.29
C GLY A 218 3.07 -4.27 -1.00
N LEU A 219 3.82 -4.26 -2.10
CA LEU A 219 3.31 -4.57 -3.43
C LEU A 219 4.27 -5.56 -4.08
N LEU A 220 3.76 -6.71 -4.51
CA LEU A 220 4.55 -7.68 -5.27
C LEU A 220 3.95 -7.79 -6.66
N SER A 221 4.77 -7.53 -7.67
CA SER A 221 4.30 -7.58 -9.06
C SER A 221 4.34 -9.02 -9.57
N LEU A 222 3.16 -9.62 -9.73
CA LEU A 222 3.04 -10.95 -10.33
C LEU A 222 3.25 -10.89 -11.84
N ARG A 223 2.69 -9.86 -12.47
CA ARG A 223 3.01 -9.55 -13.86
C ARG A 223 2.68 -8.10 -14.17
N ASN A 224 3.42 -7.55 -15.11
CA ASN A 224 3.27 -6.16 -15.52
C ASN A 224 3.93 -6.04 -16.89
N PRO A 225 3.37 -6.75 -17.89
CA PRO A 225 4.05 -6.89 -19.19
C PRO A 225 4.32 -5.58 -19.92
N ASP A 226 3.48 -4.58 -19.71
CA ASP A 226 3.61 -3.30 -20.41
C ASP A 226 4.28 -2.21 -19.56
N GLY A 227 4.81 -2.60 -18.39
CA GLY A 227 5.63 -1.70 -17.57
C GLY A 227 4.89 -0.49 -17.02
N VAL A 228 3.66 -0.70 -16.59
CA VAL A 228 2.83 0.38 -16.04
C VAL A 228 3.46 0.87 -14.73
N ALA A 229 3.60 2.19 -14.58
CA ALA A 229 4.29 2.77 -13.44
C ALA A 229 3.39 3.00 -12.23
N THR A 230 3.91 2.65 -11.07
CA THR A 230 3.42 3.13 -9.80
C THR A 230 3.97 4.55 -9.67
N THR A 231 3.18 5.45 -9.08
CA THR A 231 3.62 6.82 -8.84
C THR A 231 3.89 7.04 -7.36
N LEU A 232 4.85 7.92 -7.07
CA LEU A 232 5.25 8.28 -5.72
C LEU A 232 5.58 9.75 -5.63
N ALA A 233 5.34 10.33 -4.47
CA ALA A 233 5.80 11.68 -4.14
C ALA A 233 6.05 11.77 -2.65
N GLY A 234 7.13 12.46 -2.26
CA GLY A 234 7.39 12.80 -0.87
C GLY A 234 6.81 14.16 -0.54
N VAL A 235 7.05 14.62 0.69
CA VAL A 235 6.63 15.95 1.13
C VAL A 235 7.45 16.96 0.32
N PRO A 236 6.79 17.93 -0.34
CA PRO A 236 7.56 18.88 -1.16
C PRO A 236 8.21 19.99 -0.31
N LEU A 237 9.14 19.57 0.55
CA LEU A 237 9.76 20.47 1.54
C LEU A 237 10.57 21.59 0.92
N ASP A 238 11.17 21.34 -0.25
CA ASP A 238 11.94 22.38 -0.94
C ASP A 238 11.09 23.56 -1.40
N ASP A 239 9.77 23.39 -1.47
CA ASP A 239 8.87 24.43 -1.99
C ASP A 239 7.77 24.93 -1.05
N LEU A 240 7.55 24.25 0.08
CA LEU A 240 6.53 24.70 1.04
C LEU A 240 7.08 25.84 1.90
N ASP A 241 6.47 27.02 1.80
CA ASP A 241 6.83 28.14 2.66
C ASP A 241 6.33 27.89 4.07
N GLU A 242 6.94 28.59 5.02
CA GLU A 242 6.73 28.35 6.44
C GLU A 242 5.28 28.51 6.88
N ARG A 243 4.58 29.50 6.32
CA ARG A 243 3.19 29.76 6.66
C ARG A 243 2.30 28.62 6.19
N THR A 244 2.50 28.19 4.95
CA THR A 244 1.77 27.07 4.39
C THR A 244 2.04 25.81 5.22
N LEU A 245 3.30 25.60 5.52
CA LEU A 245 3.74 24.48 6.36
C LEU A 245 3.02 24.52 7.71
N ASP A 246 3.04 25.68 8.37
CA ASP A 246 2.36 25.87 9.65
CA ASP A 246 2.37 25.85 9.65
C ASP A 246 0.89 25.44 9.58
N VAL A 247 0.21 25.85 8.52
CA VAL A 247 -1.21 25.54 8.35
C VAL A 247 -1.43 24.04 8.13
N LEU A 248 -0.59 23.42 7.31
CA LEU A 248 -0.68 21.98 7.05
C LEU A 248 -0.44 21.12 8.29
N PHE A 249 0.29 21.67 9.28
CA PHE A 249 0.51 21.01 10.57
C PHE A 249 -0.66 21.18 11.56
N GLN A 250 -1.65 21.98 11.20
CA GLN A 250 -2.81 22.24 12.07
C GLN A 250 -3.99 21.35 11.69
N GLU A 251 -4.87 21.11 12.65
CA GLU A 251 -6.01 20.22 12.46
C GLU A 251 -7.16 20.96 11.75
N ARG A 252 -7.01 21.10 10.44
CA ARG A 252 -7.89 21.96 9.64
C ARG A 252 -8.29 21.33 8.31
N PHE A 253 -8.27 20.00 8.27
CA PHE A 253 -8.50 19.26 7.03
C PHE A 253 -9.40 18.05 7.29
N LEU A 254 -10.20 17.69 6.28
CA LEU A 254 -11.10 16.55 6.35
C LEU A 254 -10.63 15.48 5.38
N ILE A 255 -10.49 14.25 5.86
CA ILE A 255 -10.03 13.15 5.03
C ILE A 255 -11.02 12.02 5.15
N ARG A 256 -11.75 11.76 4.07
CA ARG A 256 -12.81 10.75 4.04
C ARG A 256 -12.30 9.40 3.54
N PRO A 257 -12.99 8.30 3.93
CA PRO A 257 -12.56 6.99 3.45
C PRO A 257 -12.74 6.82 1.95
N ASP A 258 -11.78 6.16 1.30
CA ASP A 258 -11.85 5.95 -0.14
C ASP A 258 -12.86 4.86 -0.49
N ASP A 259 -13.18 4.75 -1.78
CA ASP A 259 -14.24 3.88 -2.25
C ASP A 259 -13.99 2.38 -2.08
N SER A 260 -12.74 1.96 -1.83
CA SER A 260 -12.45 0.54 -1.58
C SER A 260 -13.11 0.03 -0.28
N HIS A 261 -13.50 0.94 0.60
CA HIS A 261 -14.19 0.59 1.86
C HIS A 261 -15.72 0.56 1.76
N LEU A 262 -16.27 0.74 0.57
CA LEU A 262 -17.71 0.71 0.36
C LEU A 262 -18.21 -0.71 0.25
N GLN A 263 -19.46 -0.92 0.63
CA GLN A 263 -20.09 -2.24 0.58
C GLN A 263 -20.15 -2.82 -0.84
N VAL A 264 -20.37 -1.94 -1.81
CA VAL A 264 -20.45 -2.35 -3.22
C VAL A 264 -19.14 -2.95 -3.75
N ASN A 265 -18.01 -2.56 -3.15
CA ASN A 265 -16.71 -3.12 -3.51
C ASN A 265 -16.27 -4.29 -2.61
N ASN A 266 -17.23 -4.86 -1.88
CA ASN A 266 -17.04 -6.13 -1.19
C ASN A 266 -18.14 -7.11 -1.59
N SER A 267 -17.97 -8.38 -1.25
CA SER A 267 -18.91 -9.44 -1.62
C SER A 267 -20.25 -9.29 -0.89
N VAL A 274 -20.81 -4.85 10.33
CA VAL A 274 -20.96 -3.75 11.27
C VAL A 274 -19.84 -2.72 11.10
N GLU A 275 -18.69 -3.16 10.59
CA GLU A 275 -17.54 -2.26 10.37
C GLU A 275 -17.81 -1.21 9.28
N PHE A 276 -18.77 -1.47 8.41
CA PHE A 276 -19.19 -0.47 7.41
C PHE A 276 -19.86 0.76 8.05
N GLU A 277 -20.36 0.60 9.28
CA GLU A 277 -20.93 1.71 10.03
C GLU A 277 -19.87 2.75 10.36
N GLY A 278 -18.71 2.28 10.81
CA GLY A 278 -17.56 3.16 11.09
C GLY A 278 -17.11 3.93 9.86
N ILE A 279 -17.11 3.25 8.72
CA ILE A 279 -16.74 3.89 7.44
C ILE A 279 -17.75 4.99 7.11
N ALA A 280 -19.03 4.69 7.32
CA ALA A 280 -20.10 5.66 7.08
C ALA A 280 -19.93 6.91 7.95
N GLN A 281 -19.55 6.70 9.22
CA GLN A 281 -19.31 7.81 10.15
C GLN A 281 -18.10 8.65 9.74
N ALA A 282 -17.04 7.99 9.27
CA ALA A 282 -15.85 8.69 8.77
C ALA A 282 -16.14 9.51 7.50
N ALA A 283 -17.10 9.02 6.70
CA ALA A 283 -17.53 9.73 5.49
C ALA A 283 -18.49 10.87 5.79
N ASP A 284 -19.46 10.62 6.68
CA ASP A 284 -20.49 11.61 7.02
C ASP A 284 -19.96 12.71 7.93
N ARG A 285 -19.25 12.32 8.99
CA ARG A 285 -18.79 13.25 10.01
C ARG A 285 -17.29 13.11 10.26
N PRO A 286 -16.46 13.51 9.28
CA PRO A 286 -15.02 13.48 9.49
C PRO A 286 -14.58 14.56 10.49
N GLU A 287 -13.77 14.19 11.47
CA GLU A 287 -13.21 15.16 12.40
C GLU A 287 -11.98 15.82 11.74
N PRO A 288 -11.78 17.13 11.99
CA PRO A 288 -10.61 17.79 11.40
C PRO A 288 -9.29 17.16 11.84
N VAL A 289 -8.39 16.95 10.88
CA VAL A 289 -7.06 16.40 11.17
C VAL A 289 -6.00 17.23 10.45
N ALA A 290 -4.74 17.05 10.84
CA ALA A 290 -3.63 17.70 10.17
C ALA A 290 -3.19 16.85 8.98
N ILE A 291 -2.55 17.49 8.01
CA ILE A 291 -1.94 16.81 6.87
C ILE A 291 -0.51 16.41 7.20
N LEU A 292 0.22 17.31 7.86
CA LEU A 292 1.59 17.03 8.26
C LEU A 292 1.69 16.85 9.76
N THR A 293 2.56 15.93 10.17
CA THR A 293 2.84 15.68 11.59
C THR A 293 4.34 15.44 11.79
N GLY A 294 4.75 15.50 13.06
CA GLY A 294 6.11 15.18 13.44
C GLY A 294 7.08 16.32 13.24
N HIS A 295 8.25 16.01 12.70
CA HIS A 295 9.36 16.94 12.62
C HIS A 295 9.16 17.89 11.43
N ARG A 296 9.26 19.19 11.68
N ARG A 296 9.26 19.20 11.66
CA ARG A 296 9.14 20.22 10.64
CA ARG A 296 9.09 20.17 10.57
C ARG A 296 10.10 19.97 9.47
C ARG A 296 10.11 19.99 9.45
N ALA A 297 11.30 19.51 9.78
CA ALA A 297 12.35 19.25 8.78
C ALA A 297 12.21 17.90 8.06
N ALA A 298 11.28 17.07 8.50
CA ALA A 298 11.03 15.77 7.86
C ALA A 298 9.64 15.29 8.24
N PRO A 299 8.60 16.01 7.78
CA PRO A 299 7.25 15.73 8.28
C PRO A 299 6.70 14.42 7.76
N HIS A 300 5.78 13.82 8.52
CA HIS A 300 4.99 12.72 8.01
C HIS A 300 3.75 13.28 7.34
N LEU A 301 3.23 12.52 6.39
CA LEU A 301 2.26 13.00 5.43
C LEU A 301 0.99 12.18 5.49
N ARG A 302 -0.15 12.87 5.49
CA ARG A 302 -1.46 12.24 5.51
C ARG A 302 -2.41 13.02 4.61
N VAL A 303 -2.60 12.53 3.39
CA VAL A 303 -3.40 13.23 2.41
C VAL A 303 -3.90 12.27 1.33
N ASP A 304 -5.01 12.63 0.72
CA ASP A 304 -5.61 11.83 -0.33
C ASP A 304 -6.14 12.80 -1.37
N GLY A 305 -5.55 12.78 -2.56
CA GLY A 305 -5.91 13.73 -3.61
C GLY A 305 -7.39 13.72 -4.00
N ASP A 306 -8.03 12.56 -3.92
CA ASP A 306 -9.45 12.43 -4.29
C ASP A 306 -10.43 12.40 -3.10
N PHE A 307 -9.92 12.43 -1.87
CA PHE A 307 -10.78 12.36 -0.69
C PHE A 307 -10.40 13.35 0.42
N SER A 308 -9.56 14.33 0.13
CA SER A 308 -9.19 15.36 1.10
C SER A 308 -9.90 16.67 0.79
N ALA A 309 -10.17 17.42 1.85
CA ALA A 309 -10.83 18.71 1.74
C ALA A 309 -10.43 19.57 2.93
N PRO A 310 -10.54 20.90 2.79
CA PRO A 310 -10.33 21.74 3.97
C PRO A 310 -11.52 21.63 4.92
N ALA A 311 -11.32 22.02 6.18
CA ALA A 311 -12.44 22.13 7.11
C ALA A 311 -13.44 23.15 6.57
N GLU A 312 -14.71 22.98 6.92
CA GLU A 312 -15.81 23.84 6.44
C GLU A 312 -15.46 25.33 6.46
N GLY A 313 -15.39 25.96 5.30
CA GLY A 313 -15.19 27.41 5.20
C GLY A 313 -13.83 27.96 5.60
N ASP A 314 -12.85 27.06 5.78
CA ASP A 314 -11.50 27.46 6.17
C ASP A 314 -10.66 27.70 4.91
N GLU A 315 -10.62 28.94 4.45
CA GLU A 315 -9.98 29.26 3.17
C GLU A 315 -8.44 29.26 3.23
N GLU A 316 -7.89 29.53 4.41
CA GLU A 316 -6.43 29.41 4.62
C GLU A 316 -5.98 27.95 4.48
N ALA A 317 -6.73 27.05 5.11
CA ALA A 317 -6.46 25.62 5.01
C ALA A 317 -6.61 25.18 3.56
N ALA A 318 -7.68 25.64 2.92
CA ALA A 318 -7.92 25.36 1.51
C ALA A 318 -6.74 25.77 0.63
N ALA A 319 -6.21 26.97 0.86
CA ALA A 319 -5.10 27.47 0.06
C ALA A 319 -3.84 26.62 0.29
N ALA A 320 -3.63 26.19 1.54
CA ALA A 320 -2.50 25.31 1.85
C ALA A 320 -2.65 23.96 1.15
N LEU A 321 -3.86 23.39 1.17
CA LEU A 321 -4.12 22.13 0.48
C LEU A 321 -3.99 22.28 -1.03
N GLY A 322 -4.54 23.37 -1.57
CA GLY A 322 -4.40 23.68 -3.00
C GLY A 322 -2.95 23.75 -3.44
N THR A 323 -2.12 24.41 -2.64
CA THR A 323 -0.71 24.55 -2.95
C THR A 323 -0.01 23.20 -2.86
N LEU A 324 -0.35 22.42 -1.84
CA LEU A 324 0.22 21.09 -1.68
C LEU A 324 -0.10 20.19 -2.87
N ARG A 325 -1.35 20.22 -3.35
CA ARG A 325 -1.75 19.45 -4.52
C ARG A 325 -0.86 19.78 -5.71
N LYS A 326 -0.65 21.07 -5.94
CA LYS A 326 0.18 21.55 -7.07
C LYS A 326 1.61 21.04 -6.94
N LEU A 327 2.17 21.13 -5.74
CA LEU A 327 3.56 20.74 -5.52
C LEU A 327 3.76 19.22 -5.61
N ILE A 328 2.78 18.45 -5.12
CA ILE A 328 2.83 17.01 -5.24
C ILE A 328 2.70 16.58 -6.70
N ASP A 329 1.71 17.14 -7.41
CA ASP A 329 1.55 16.87 -8.84
C ASP A 329 2.85 17.12 -9.60
N ALA A 330 3.51 18.23 -9.30
CA ALA A 330 4.74 18.62 -9.98
C ALA A 330 5.96 17.75 -9.65
N SER A 331 5.95 17.11 -8.48
CA SER A 331 7.11 16.31 -8.04
C SER A 331 6.87 14.79 -8.14
N LEU A 332 5.67 14.39 -8.57
CA LEU A 332 5.32 12.99 -8.68
C LEU A 332 6.27 12.29 -9.64
N TYR A 333 6.79 11.13 -9.24
CA TYR A 333 7.71 10.36 -10.09
C TYR A 333 7.26 8.91 -10.23
N GLU A 334 7.92 8.17 -11.11
CA GLU A 334 7.51 6.83 -11.47
C GLU A 334 8.43 5.74 -10.96
N LEU A 335 7.81 4.65 -10.52
CA LEU A 335 8.50 3.42 -10.13
C LEU A 335 7.80 2.30 -10.86
N VAL A 336 8.53 1.61 -11.73
CA VAL A 336 7.95 0.48 -12.46
C VAL A 336 8.29 -0.81 -11.73
N LEU A 337 7.27 -1.48 -11.21
CA LEU A 337 7.45 -2.80 -10.61
C LEU A 337 7.29 -3.86 -11.70
N ASP A 338 8.42 -4.31 -12.23
CA ASP A 338 8.42 -5.38 -13.21
C ASP A 338 8.06 -6.68 -12.52
N GLN A 339 7.70 -7.67 -13.31
CA GLN A 339 7.41 -8.99 -12.81
C GLN A 339 8.44 -9.43 -11.77
N GLY A 340 7.96 -9.75 -10.56
CA GLY A 340 8.82 -10.22 -9.49
C GLY A 340 9.39 -9.16 -8.58
N ASP A 341 9.18 -7.87 -8.90
CA ASP A 341 9.64 -6.78 -8.06
C ASP A 341 8.67 -6.60 -6.89
N VAL A 342 9.22 -6.30 -5.72
CA VAL A 342 8.42 -6.02 -4.53
C VAL A 342 8.82 -4.64 -4.00
N ALA A 343 7.81 -3.82 -3.69
CA ALA A 343 8.05 -2.51 -3.08
C ALA A 343 7.32 -2.43 -1.75
N PHE A 344 7.99 -1.88 -0.77
CA PHE A 344 7.35 -1.51 0.50
C PHE A 344 7.39 0.00 0.60
N ILE A 345 6.24 0.61 0.34
CA ILE A 345 6.13 2.07 0.28
C ILE A 345 5.95 2.59 1.69
N ASP A 346 6.78 3.57 2.05
CA ASP A 346 6.66 4.22 3.36
C ASP A 346 5.43 5.14 3.33
N ASN A 347 4.35 4.67 3.96
CA ASN A 347 3.05 5.36 3.91
C ASN A 347 3.00 6.63 4.77
N ARG A 348 4.07 6.92 5.49
CA ARG A 348 4.17 8.18 6.24
C ARG A 348 5.00 9.24 5.52
N ARG A 349 6.01 8.81 4.75
CA ARG A 349 6.86 9.73 4.00
C ARG A 349 6.36 10.05 2.61
N ALA A 350 5.57 9.16 2.03
CA ALA A 350 5.21 9.28 0.63
C ALA A 350 3.74 8.98 0.39
N VAL A 351 3.19 9.64 -0.63
CA VAL A 351 1.92 9.24 -1.23
C VAL A 351 2.24 8.46 -2.49
N HIS A 352 1.30 7.63 -2.92
CA HIS A 352 1.52 6.83 -4.12
C HIS A 352 0.22 6.68 -4.91
N GLY A 353 0.38 6.24 -6.14
CA GLY A 353 -0.74 6.00 -7.05
C GLY A 353 -0.30 5.10 -8.18
N ARG A 354 -1.01 5.15 -9.31
CA ARG A 354 -0.70 4.32 -10.47
C ARG A 354 -1.12 5.03 -11.75
N ARG A 355 -0.25 4.98 -12.76
CA ARG A 355 -0.54 5.65 -14.03
C ARG A 355 -1.72 5.01 -14.72
N ALA A 356 -2.42 5.81 -15.50
CA ALA A 356 -3.46 5.31 -16.38
C ALA A 356 -2.85 4.30 -17.35
N PHE A 357 -3.59 3.22 -17.61
CA PHE A 357 -3.20 2.26 -18.63
C PHE A 357 -4.41 1.65 -19.31
N GLN A 358 -4.22 1.17 -20.53
CA GLN A 358 -5.29 0.50 -21.27
C GLN A 358 -5.30 -0.99 -20.87
N PRO A 359 -6.39 -1.45 -20.24
CA PRO A 359 -6.40 -2.85 -19.82
C PRO A 359 -6.50 -3.80 -21.02
N ARG A 360 -6.06 -5.04 -20.83
CA ARG A 360 -6.06 -6.04 -21.88
C ARG A 360 -7.30 -6.93 -21.83
N TYR A 361 -7.61 -7.44 -20.63
CA TYR A 361 -8.66 -8.44 -20.40
C TYR A 361 -8.51 -9.70 -21.25
N ASP A 362 -7.26 -10.07 -21.54
CA ASP A 362 -6.95 -11.28 -22.32
C ASP A 362 -6.28 -12.37 -21.48
N GLY A 363 -6.28 -12.17 -20.15
CA GLY A 363 -5.64 -13.10 -19.23
C GLY A 363 -4.21 -12.75 -18.82
N ARG A 364 -3.63 -11.70 -19.41
CA ARG A 364 -2.26 -11.28 -19.06
C ARG A 364 -2.17 -9.85 -18.54
N ASP A 365 -3.26 -9.37 -17.93
CA ASP A 365 -3.25 -8.05 -17.32
C ASP A 365 -2.27 -7.97 -16.15
N ARG A 366 -1.79 -6.76 -15.92
CA ARG A 366 -1.01 -6.40 -14.76
C ARG A 366 -1.71 -6.87 -13.49
N TRP A 367 -0.92 -7.44 -12.57
CA TRP A 367 -1.46 -8.09 -11.38
C TRP A 367 -0.45 -7.97 -10.25
N LEU A 368 -0.88 -7.40 -9.13
CA LEU A 368 -0.06 -7.31 -7.93
C LEU A 368 -0.76 -7.97 -6.77
N LYS A 369 0.03 -8.56 -5.87
CA LYS A 369 -0.41 -8.87 -4.52
C LYS A 369 -0.01 -7.71 -3.61
N ARG A 370 -0.82 -7.45 -2.60
CA ARG A 370 -0.62 -6.30 -1.73
C ARG A 370 -0.89 -6.67 -0.28
N ILE A 371 -0.23 -5.96 0.62
CA ILE A 371 -0.39 -6.20 2.05
C ILE A 371 -0.14 -4.92 2.84
N ASN A 372 -0.96 -4.69 3.86
CA ASN A 372 -0.80 -3.58 4.79
C ASN A 372 0.06 -4.01 5.98
N ILE A 373 0.96 -3.13 6.41
CA ILE A 373 1.91 -3.42 7.47
C ILE A 373 1.96 -2.27 8.47
N THR A 374 1.85 -2.60 9.75
CA THR A 374 2.04 -1.62 10.82
C THR A 374 3.26 -2.00 11.65
N ARG A 375 3.96 -0.98 12.15
CA ARG A 375 5.07 -1.23 13.09
C ARG A 375 4.54 -1.71 14.45
N ASP A 376 3.27 -1.45 14.74
CA ASP A 376 2.71 -1.81 16.04
C ASP A 376 1.21 -2.06 15.97
N LEU A 377 0.83 -3.33 15.97
CA LEU A 377 -0.56 -3.75 15.91
C LEU A 377 -1.38 -3.19 17.08
N HIS A 378 -0.75 -3.01 18.24
CA HIS A 378 -1.47 -2.57 19.43
C HIS A 378 -1.95 -1.13 19.36
N ARG A 379 -1.34 -0.33 18.49
CA ARG A 379 -1.83 1.02 18.26
C ARG A 379 -3.25 1.06 17.68
N SER A 380 -3.69 -0.02 17.02
CA SER A 380 -5.05 -0.09 16.48
C SER A 380 -6.02 -0.95 17.30
N ARG A 381 -5.69 -1.19 18.57
CA ARG A 381 -6.48 -2.03 19.47
C ARG A 381 -7.97 -1.71 19.45
N LYS A 382 -8.30 -0.42 19.42
CA LYS A 382 -9.68 0.05 19.37
C LYS A 382 -10.46 -0.49 18.17
N ALA A 383 -9.74 -0.74 17.07
CA ALA A 383 -10.36 -1.20 15.82
C ALA A 383 -10.23 -2.71 15.56
N TRP A 384 -9.69 -3.46 16.52
CA TRP A 384 -9.52 -4.90 16.35
C TRP A 384 -10.87 -5.58 16.15
N SER A 388 -8.19 -8.68 15.41
CA SER A 388 -6.79 -8.34 15.65
C SER A 388 -6.07 -8.01 14.33
N ARG A 389 -6.15 -8.92 13.36
CA ARG A 389 -5.50 -8.73 12.06
C ARG A 389 -6.47 -8.17 11.01
N VAL A 390 -7.74 -8.00 11.38
CA VAL A 390 -8.75 -7.41 10.49
C VAL A 390 -9.40 -6.24 11.23
N LEU A 391 -9.13 -5.03 10.74
CA LEU A 391 -9.51 -3.81 11.46
C LEU A 391 -10.85 -3.25 11.03
N GLY A 392 -11.51 -2.59 11.97
CA GLY A 392 -12.72 -1.83 11.70
C GLY A 392 -13.47 -1.48 12.97
N GLN A 393 -14.32 -0.47 12.87
CA GLN A 393 -15.08 0.04 14.01
C GLN A 393 -16.52 0.27 13.64
N ARG A 394 -17.34 0.47 14.67
CA ARG A 394 -18.74 0.81 14.47
C ARG A 394 -18.90 2.31 14.27
C1 AKG B . -2.50 0.32 -4.04
O1 AKG B . -2.66 0.72 -2.86
O2 AKG B . -2.54 -0.89 -4.32
C2 AKG B . -2.27 1.31 -5.10
O5 AKG B . -2.33 2.50 -4.83
C3 AKG B . -1.98 0.85 -6.51
C4 AKG B . -0.50 0.74 -6.78
C5 AKG B . -0.25 0.15 -8.14
O3 AKG B . 0.93 0.11 -8.57
O4 AKG B . -1.21 -0.28 -8.82
FE FE2 C . -2.71 2.73 -2.62
O ZZU D . -7.23 -0.57 -3.13
C ZZU D . -7.72 0.58 -3.16
OXT ZZU D . -8.43 1.00 -4.09
CA ZZU D . -7.41 1.50 -2.00
N ZZU D . -6.97 0.71 -0.82
CB ZZU D . -6.32 2.52 -2.37
OB ZZU D . -5.11 1.84 -2.71
CG ZZU D . -6.72 3.47 -3.49
CD ZZU D . -8.02 4.19 -3.17
NE ZZU D . -8.11 5.47 -3.85
CZ ZZU D . -7.66 6.61 -3.30
NH2 ZZU D . -7.13 6.59 -2.15
NH1 ZZU D . -7.78 7.76 -3.96
#